data_3FYH
#
_entry.id   3FYH
#
_cell.length_a   83.16
_cell.length_b   83.16
_cell.length_c   106.85
_cell.angle_alpha   90.0
_cell.angle_beta   90.0
_cell.angle_gamma   120.0
#
_symmetry.space_group_name_H-M   'P 61'
#
loop_
_entity.id
_entity.type
_entity.pdbx_description
1 polymer 'DNA repair and recombination protein radA'
2 non-polymer "ADENOSINE-5'-DIPHOSPHATE"
3 non-polymer 'MAGNESIUM ION'
4 non-polymer 'SODIUM ION'
5 non-polymer 'TUNGSTEN ION'
6 water water
#
_entity_poly.entity_id   1
_entity_poly.type   'polypeptide(L)'
_entity_poly.pdbx_seq_one_letter_code
;MGDNLTDLPGVGPSTAEKLVEAGYIDFMKIATATVGELTDIEGISEKAAAKMIMGARDLCDLGFKSGIDLLKQRSTVWKL
STSSSELDSVLGGGLESQSVTEFAGVFGSGKTQIMHQSCVNLQNPEFLFYDEEAVSKGEVAQPKAVYIDTEGTFRPERIM
QMAEHAGIDGQTVLDNTFVARAYNSDMQMLFAEKIEDLIQEGNNIKLVVIDSLTSTFRNEYTGRGKLAERQQKLGRHMAT
LNKLADLFNCVVLVTNQVSAKPDAFFGMAEQAIGGHIVGHAATFRFFVRKGKGDKRVAKLYDSPHLPDAEAIFRITEKGI
QD
;
_entity_poly.pdbx_strand_id   A
#
loop_
_chem_comp.id
_chem_comp.type
_chem_comp.name
_chem_comp.formula
ADP non-polymer ADENOSINE-5'-DIPHOSPHATE 'C10 H15 N5 O10 P2'
MG non-polymer 'MAGNESIUM ION' 'Mg 2'
NA non-polymer 'SODIUM ION' 'Na 1'
W non-polymer 'TUNGSTEN ION' 'W 6'
#
# COMPACT_ATOMS: atom_id res chain seq x y z
N LEU A 5 21.10 14.15 6.42
CA LEU A 5 20.39 14.87 7.47
C LEU A 5 21.04 16.15 7.96
N THR A 6 22.37 16.28 7.90
CA THR A 6 22.97 17.51 8.41
C THR A 6 22.68 18.75 7.56
N ASP A 7 22.12 18.56 6.38
CA ASP A 7 21.73 19.67 5.52
C ASP A 7 20.60 20.44 6.18
N LEU A 8 19.89 19.79 7.09
CA LEU A 8 18.76 20.42 7.79
C LEU A 8 19.18 21.42 8.86
N PRO A 9 18.51 22.57 8.93
CA PRO A 9 18.73 23.66 9.87
C PRO A 9 18.78 23.16 11.31
N GLY A 10 19.89 23.44 11.97
CA GLY A 10 20.03 23.03 13.37
C GLY A 10 20.60 21.65 13.58
N VAL A 11 20.51 20.79 12.56
CA VAL A 11 20.99 19.41 12.65
C VAL A 11 22.49 19.25 12.37
N GLY A 12 23.21 18.79 13.40
CA GLY A 12 24.61 18.54 13.29
C GLY A 12 24.84 17.04 13.31
N PRO A 13 26.10 16.61 13.35
CA PRO A 13 26.54 15.21 13.36
C PRO A 13 25.91 14.34 14.42
N SER A 14 25.91 14.80 15.66
CA SER A 14 25.36 13.99 16.73
C SER A 14 23.84 13.92 16.64
N THR A 15 23.17 15.05 16.35
CA THR A 15 21.71 15.03 16.22
C THR A 15 21.31 14.12 15.05
N ALA A 16 22.10 14.13 13.97
CA ALA A 16 21.80 13.30 12.81
C ALA A 16 21.88 11.82 13.18
N GLU A 17 22.78 11.47 14.10
CA GLU A 17 22.93 10.09 14.55
C GLU A 17 21.70 9.64 15.36
N LYS A 18 21.24 10.52 16.24
CA LYS A 18 20.08 10.22 17.05
C LYS A 18 18.87 10.01 16.15
N LEU A 19 18.69 10.90 15.17
CA LEU A 19 17.58 10.82 14.22
C LEU A 19 17.54 9.51 13.47
N VAL A 20 18.71 9.07 13.00
CA VAL A 20 18.76 7.80 12.26
C VAL A 20 18.52 6.60 13.16
N GLU A 21 18.87 6.72 14.45
CA GLU A 21 18.66 5.61 15.37
C GLU A 21 17.21 5.47 15.79
N ALA A 22 16.43 6.53 15.54
CA ALA A 22 15.00 6.56 15.84
C ALA A 22 14.25 6.30 14.54
N GLY A 23 14.99 6.01 13.48
CA GLY A 23 14.38 5.72 12.20
C GLY A 23 14.01 6.88 11.29
N TYR A 24 14.46 8.11 11.58
CA TYR A 24 14.15 9.25 10.73
C TYR A 24 15.35 9.48 9.84
N ILE A 25 15.36 8.87 8.66
CA ILE A 25 16.50 8.99 7.77
C ILE A 25 16.31 9.76 6.47
N ASP A 26 15.07 10.12 6.13
CA ASP A 26 14.88 10.88 4.91
C ASP A 26 14.19 12.19 5.26
N PHE A 27 14.24 13.14 4.34
CA PHE A 27 13.63 14.42 4.62
C PHE A 27 12.11 14.39 4.72
N MET A 28 11.48 13.65 3.82
CA MET A 28 10.03 13.62 3.79
C MET A 28 9.41 13.13 5.10
N LYS A 29 10.04 12.15 5.73
CA LYS A 29 9.54 11.64 7.00
C LYS A 29 9.70 12.71 8.07
N ILE A 30 10.77 13.49 7.99
CA ILE A 30 10.94 14.55 8.98
C ILE A 30 10.00 15.71 8.67
N ALA A 31 9.86 16.07 7.41
CA ALA A 31 8.96 17.17 7.01
C ALA A 31 7.50 16.87 7.46
N THR A 32 7.12 15.59 7.45
CA THR A 32 5.74 15.28 7.83
C THR A 32 5.56 14.78 9.24
N ALA A 33 6.57 14.99 10.08
CA ALA A 33 6.50 14.56 11.47
C ALA A 33 5.93 15.69 12.30
N THR A 34 5.47 15.36 13.50
CA THR A 34 4.92 16.36 14.42
C THR A 34 6.08 16.63 15.34
N VAL A 35 6.09 17.80 15.98
CA VAL A 35 7.17 18.14 16.90
C VAL A 35 7.22 17.09 17.99
N GLY A 36 6.03 16.66 18.40
CA GLY A 36 5.92 15.66 19.45
C GLY A 36 6.71 14.40 19.18
N GLU A 37 6.53 13.80 18.01
CA GLU A 37 7.26 12.57 17.75
C GLU A 37 8.77 12.78 17.70
N LEU A 38 9.24 14.00 17.40
CA LEU A 38 10.68 14.26 17.36
C LEU A 38 11.24 14.61 18.76
N THR A 39 10.52 15.45 19.52
CA THR A 39 10.97 15.81 20.88
C THR A 39 11.05 14.55 21.75
N ASP A 40 10.17 13.59 21.48
CA ASP A 40 10.15 12.33 22.22
C ASP A 40 11.42 11.53 21.97
N ILE A 41 12.38 12.16 21.28
CA ILE A 41 13.66 11.52 20.98
C ILE A 41 14.68 11.87 22.05
N GLU A 42 14.48 12.97 22.76
CA GLU A 42 15.40 13.33 23.83
C GLU A 42 16.78 13.55 23.23
N GLY A 43 17.34 14.70 23.56
CA GLY A 43 18.64 15.07 23.01
C GLY A 43 18.22 15.97 21.88
N ILE A 44 16.92 15.90 21.56
CA ILE A 44 16.30 16.70 20.52
C ILE A 44 15.31 17.62 21.19
N SER A 45 15.69 18.89 21.26
CA SER A 45 14.87 19.93 21.87
C SER A 45 13.60 20.18 21.06
N GLU A 46 12.68 20.94 21.62
CA GLU A 46 11.43 21.27 20.93
C GLU A 46 11.67 22.35 19.88
N LYS A 47 12.64 23.23 20.15
CA LYS A 47 12.98 24.31 19.23
C LYS A 47 13.77 23.76 18.05
N ALA A 48 14.60 22.75 18.32
CA ALA A 48 15.39 22.13 17.28
C ALA A 48 14.45 21.30 16.42
N ALA A 49 13.43 20.68 17.05
CA ALA A 49 12.47 19.87 16.32
C ALA A 49 11.68 20.76 15.37
N ALA A 50 11.19 21.89 15.86
CA ALA A 50 10.43 22.78 14.98
C ALA A 50 11.30 23.32 13.85
N LYS A 51 12.60 23.48 14.11
CA LYS A 51 13.47 24.03 13.08
C LYS A 51 13.78 23.05 11.97
N MET A 52 14.09 21.81 12.34
CA MET A 52 14.40 20.83 11.31
C MET A 52 13.14 20.46 10.52
N ILE A 53 11.98 20.47 11.16
CA ILE A 53 10.72 20.15 10.46
C ILE A 53 10.51 21.22 9.41
N MET A 54 10.59 22.48 9.80
CA MET A 54 10.39 23.56 8.83
C MET A 54 11.44 23.50 7.72
N GLY A 55 12.67 23.12 8.08
CA GLY A 55 13.72 23.03 7.07
C GLY A 55 13.44 21.89 6.11
N ALA A 56 12.93 20.78 6.64
CA ALA A 56 12.61 19.60 5.84
C ALA A 56 11.47 19.91 4.87
N ARG A 57 10.42 20.56 5.36
CA ARG A 57 9.31 20.90 4.48
C ARG A 57 9.82 21.74 3.31
N ASP A 58 10.68 22.70 3.63
CA ASP A 58 11.23 23.56 2.59
C ASP A 58 12.07 22.80 1.56
N LEU A 59 12.92 21.88 2.01
CA LEU A 59 13.73 21.09 1.09
C LEU A 59 12.85 20.20 0.23
N CYS A 60 11.70 19.79 0.76
CA CYS A 60 10.80 18.95 0.00
C CYS A 60 9.77 19.80 -0.76
N ASP A 61 9.86 21.14 -0.62
CA ASP A 61 8.95 22.07 -1.31
C ASP A 61 7.49 21.64 -1.09
N LEU A 62 7.03 21.78 0.15
CA LEU A 62 5.68 21.37 0.54
C LEU A 62 4.62 22.47 0.78
N GLY A 63 4.59 23.53 -0.03
CA GLY A 63 3.60 24.57 0.23
C GLY A 63 2.37 24.53 -0.66
N PHE A 64 1.79 25.68 -0.89
CA PHE A 64 0.62 25.76 -1.74
C PHE A 64 1.01 25.48 -3.18
N LYS A 65 0.20 24.73 -3.91
CA LYS A 65 0.49 24.45 -5.32
C LYS A 65 -0.75 24.84 -6.12
N SER A 66 -0.56 25.22 -7.38
CA SER A 66 -1.70 25.58 -8.21
C SER A 66 -1.41 25.34 -9.69
N GLY A 67 -2.44 25.48 -10.50
CA GLY A 67 -2.25 25.33 -11.92
C GLY A 67 -1.67 24.01 -12.33
N ILE A 68 -0.68 24.06 -13.23
CA ILE A 68 -0.07 22.83 -13.75
C ILE A 68 0.59 21.94 -12.68
N ASP A 69 1.07 22.52 -11.59
CA ASP A 69 1.67 21.69 -10.55
C ASP A 69 0.68 20.70 -9.94
N LEU A 70 -0.62 21.00 -10.04
CA LEU A 70 -1.64 20.10 -9.52
C LEU A 70 -1.66 18.85 -10.41
N LEU A 71 -1.52 19.05 -11.72
CA LEU A 71 -1.50 17.93 -12.64
C LEU A 71 -0.21 17.14 -12.41
N LYS A 72 0.92 17.84 -12.23
CA LYS A 72 2.21 17.14 -12.02
C LYS A 72 2.15 16.21 -10.80
N GLN A 73 1.55 16.70 -9.71
CA GLN A 73 1.46 15.88 -8.50
C GLN A 73 0.65 14.59 -8.78
N ARG A 74 -0.48 14.75 -9.46
CA ARG A 74 -1.34 13.63 -9.76
C ARG A 74 -0.65 12.62 -10.67
N SER A 75 0.26 13.10 -11.52
CA SER A 75 1.00 12.24 -12.44
C SER A 75 2.03 11.36 -11.75
N THR A 76 2.28 11.57 -10.46
CA THR A 76 3.24 10.71 -9.79
C THR A 76 2.56 9.38 -9.41
N VAL A 77 1.24 9.30 -9.57
CA VAL A 77 0.48 8.06 -9.26
C VAL A 77 0.68 7.05 -10.41
N TRP A 78 1.14 5.84 -10.10
CA TRP A 78 1.31 4.82 -11.14
C TRP A 78 0.21 3.80 -10.87
N LYS A 79 -0.11 2.92 -11.82
CA LYS A 79 -1.18 1.95 -11.59
C LYS A 79 -0.75 0.55 -11.94
N LEU A 80 -1.25 -0.40 -11.15
CA LEU A 80 -0.94 -1.83 -11.33
C LEU A 80 -2.15 -2.53 -11.99
N SER A 81 -1.91 -3.22 -13.11
CA SER A 81 -3.01 -3.93 -13.81
C SER A 81 -3.52 -5.06 -12.94
N THR A 82 -4.79 -5.40 -13.09
CA THR A 82 -5.34 -6.50 -12.34
C THR A 82 -5.46 -7.77 -13.18
N SER A 83 -5.05 -7.71 -14.44
CA SER A 83 -5.16 -8.81 -15.41
C SER A 83 -6.58 -8.92 -15.96
N SER A 84 -7.46 -8.02 -15.53
CA SER A 84 -8.84 -8.01 -16.03
C SER A 84 -9.08 -6.65 -16.69
N SER A 85 -9.44 -6.67 -17.97
CA SER A 85 -9.70 -5.44 -18.74
C SER A 85 -10.79 -4.61 -18.12
N GLU A 86 -11.86 -5.30 -17.77
CA GLU A 86 -13.03 -4.68 -17.16
C GLU A 86 -12.69 -4.02 -15.82
N LEU A 87 -12.02 -4.76 -14.97
CA LEU A 87 -11.65 -4.25 -13.66
C LEU A 87 -10.70 -3.04 -13.81
N ASP A 88 -9.70 -3.15 -14.70
CA ASP A 88 -8.78 -2.02 -14.93
C ASP A 88 -9.52 -0.77 -15.41
N SER A 89 -10.51 -0.94 -16.27
CA SER A 89 -11.28 0.17 -16.78
C SER A 89 -12.08 0.87 -15.66
N VAL A 90 -12.80 0.08 -14.88
CA VAL A 90 -13.59 0.59 -13.77
C VAL A 90 -12.70 1.33 -12.75
N LEU A 91 -11.45 0.89 -12.64
CA LEU A 91 -10.44 1.49 -11.76
C LEU A 91 -9.81 2.75 -12.37
N GLY A 92 -10.18 3.07 -13.61
CA GLY A 92 -9.61 4.22 -14.27
C GLY A 92 -8.19 3.95 -14.75
N GLY A 93 -7.86 2.67 -14.91
CA GLY A 93 -6.53 2.29 -15.39
C GLY A 93 -5.87 1.09 -14.69
N GLY A 94 -6.08 1.01 -13.38
CA GLY A 94 -5.51 -0.05 -12.58
C GLY A 94 -5.49 0.38 -11.13
N LEU A 95 -4.93 -0.47 -10.26
CA LEU A 95 -4.84 -0.18 -8.83
C LEU A 95 -3.89 1.00 -8.61
N GLU A 96 -4.38 2.06 -7.93
CA GLU A 96 -3.53 3.24 -7.73
C GLU A 96 -2.51 3.23 -6.62
N SER A 97 -1.31 3.72 -6.90
CA SER A 97 -0.32 3.88 -5.87
C SER A 97 -0.81 5.14 -5.08
N GLN A 98 -0.30 5.31 -3.87
CA GLN A 98 -0.62 6.43 -2.97
C GLN A 98 -2.07 6.39 -2.49
N SER A 99 -2.68 5.21 -2.54
CA SER A 99 -4.06 5.05 -2.09
C SER A 99 -4.22 3.63 -1.60
N VAL A 100 -5.25 3.45 -0.77
CA VAL A 100 -5.57 2.13 -0.24
C VAL A 100 -6.86 1.70 -0.98
N THR A 101 -6.81 0.51 -1.59
CA THR A 101 -7.97 -0.04 -2.31
C THR A 101 -8.43 -1.29 -1.55
N GLU A 102 -9.73 -1.35 -1.24
CA GLU A 102 -10.31 -2.46 -0.50
C GLU A 102 -11.28 -3.32 -1.33
N PHE A 103 -11.17 -4.63 -1.20
CA PHE A 103 -12.02 -5.57 -1.89
C PHE A 103 -12.79 -6.31 -0.78
N ALA A 104 -14.09 -6.08 -0.67
CA ALA A 104 -14.93 -6.74 0.33
C ALA A 104 -15.82 -7.74 -0.40
N GLY A 105 -16.28 -8.77 0.28
CA GLY A 105 -17.15 -9.71 -0.40
C GLY A 105 -17.30 -10.93 0.41
N VAL A 106 -18.23 -11.82 0.03
CA VAL A 106 -18.44 -13.06 0.74
C VAL A 106 -17.28 -14.01 0.54
N PHE A 107 -17.23 -15.09 1.32
CA PHE A 107 -16.16 -16.08 1.22
C PHE A 107 -16.19 -16.67 -0.20
N GLY A 108 -15.02 -16.92 -0.78
CA GLY A 108 -14.93 -17.48 -2.11
C GLY A 108 -15.18 -16.52 -3.26
N SER A 109 -15.33 -15.22 -3.00
CA SER A 109 -15.60 -14.32 -4.11
C SER A 109 -14.34 -13.98 -4.91
N GLY A 110 -13.15 -14.24 -4.34
CA GLY A 110 -11.93 -13.95 -5.08
C GLY A 110 -10.96 -12.94 -4.44
N LYS A 111 -11.22 -12.57 -3.19
CA LYS A 111 -10.36 -11.59 -2.53
C LYS A 111 -8.89 -12.05 -2.45
N THR A 112 -8.68 -13.25 -1.94
CA THR A 112 -7.33 -13.75 -1.81
C THR A 112 -6.70 -13.97 -3.19
N GLN A 113 -7.50 -14.35 -4.18
CA GLN A 113 -6.97 -14.55 -5.55
C GLN A 113 -6.41 -13.23 -6.10
N ILE A 114 -7.15 -12.14 -5.91
CA ILE A 114 -6.71 -10.82 -6.38
C ILE A 114 -5.43 -10.42 -5.69
N MET A 115 -5.30 -10.74 -4.41
CA MET A 115 -4.08 -10.37 -3.69
C MET A 115 -2.88 -11.12 -4.32
N HIS A 116 -3.06 -12.42 -4.53
CA HIS A 116 -1.98 -13.19 -5.13
C HIS A 116 -1.69 -12.69 -6.54
N GLN A 117 -2.74 -12.46 -7.33
CA GLN A 117 -2.53 -12.00 -8.71
C GLN A 117 -1.74 -10.70 -8.74
N SER A 118 -1.99 -9.82 -7.77
CA SER A 118 -1.28 -8.52 -7.73
C SER A 118 0.21 -8.70 -7.48
N CYS A 119 0.56 -9.62 -6.57
CA CYS A 119 1.97 -9.92 -6.27
C CYS A 119 2.71 -10.42 -7.51
N VAL A 120 2.01 -11.22 -8.32
CA VAL A 120 2.56 -11.74 -9.58
C VAL A 120 2.72 -10.61 -10.62
N ASN A 121 1.66 -9.83 -10.78
CA ASN A 121 1.65 -8.78 -11.78
C ASN A 121 2.71 -7.72 -11.57
N LEU A 122 3.05 -7.45 -10.31
CA LEU A 122 4.08 -6.47 -9.95
C LEU A 122 5.40 -6.86 -10.62
N GLN A 123 5.58 -8.15 -10.87
CA GLN A 123 6.83 -8.60 -11.46
C GLN A 123 6.83 -8.59 -12.98
N ASN A 124 5.76 -8.09 -13.59
CA ASN A 124 5.69 -7.96 -15.05
C ASN A 124 5.76 -6.44 -15.28
N PRO A 125 6.94 -5.92 -15.65
CA PRO A 125 7.17 -4.49 -15.90
C PRO A 125 6.09 -3.81 -16.73
N GLU A 126 5.55 -4.53 -17.69
CA GLU A 126 4.52 -3.94 -18.53
C GLU A 126 3.14 -3.84 -17.87
N PHE A 127 3.02 -4.32 -16.63
CA PHE A 127 1.75 -4.24 -15.94
C PHE A 127 1.73 -3.04 -14.97
N LEU A 128 2.78 -2.23 -14.99
CA LEU A 128 2.80 -1.03 -14.14
C LEU A 128 2.66 0.12 -15.13
N PHE A 129 1.56 0.85 -15.06
CA PHE A 129 1.31 1.97 -15.96
C PHE A 129 1.65 3.29 -15.30
N TYR A 130 2.54 4.07 -15.90
CA TYR A 130 2.92 5.36 -15.35
C TYR A 130 3.37 6.30 -16.45
N ASP A 131 3.40 7.58 -16.10
CA ASP A 131 3.84 8.66 -16.98
C ASP A 131 5.35 8.76 -16.70
N GLU A 132 6.16 8.48 -17.71
CA GLU A 132 7.61 8.50 -17.60
C GLU A 132 8.22 9.85 -17.19
N GLU A 133 7.50 10.94 -17.42
CA GLU A 133 8.00 12.25 -17.06
C GLU A 133 7.75 12.55 -15.58
N ALA A 134 6.89 11.77 -14.93
CA ALA A 134 6.59 11.99 -13.51
C ALA A 134 7.12 10.88 -12.60
N VAL A 135 7.28 9.70 -13.18
CA VAL A 135 7.77 8.51 -12.47
C VAL A 135 8.91 7.93 -13.31
N SER A 136 10.13 7.95 -12.77
CA SER A 136 11.29 7.46 -13.50
C SER A 136 11.35 5.94 -13.49
N LYS A 137 11.98 5.37 -14.52
CA LYS A 137 12.11 3.93 -14.61
C LYS A 137 12.76 3.38 -13.34
N GLY A 138 13.69 4.15 -12.76
CA GLY A 138 14.36 3.69 -11.56
C GLY A 138 13.43 3.58 -10.35
N GLU A 139 12.39 4.41 -10.32
CA GLU A 139 11.50 4.40 -9.17
C GLU A 139 10.69 3.08 -9.03
N VAL A 140 10.36 2.46 -10.15
CA VAL A 140 9.63 1.20 -10.13
C VAL A 140 10.53 0.00 -10.47
N ALA A 141 11.86 0.17 -10.41
CA ALA A 141 12.79 -0.92 -10.72
C ALA A 141 12.96 -1.91 -9.55
N GLN A 142 13.03 -3.20 -9.86
CA GLN A 142 13.21 -4.22 -8.83
C GLN A 142 12.12 -4.05 -7.77
N PRO A 143 10.85 -3.93 -8.21
CA PRO A 143 9.79 -3.76 -7.21
C PRO A 143 9.58 -5.02 -6.36
N LYS A 144 9.18 -4.82 -5.12
CA LYS A 144 8.93 -5.93 -4.22
C LYS A 144 7.56 -5.78 -3.56
N ALA A 145 6.99 -6.89 -3.11
CA ALA A 145 5.67 -6.87 -2.47
C ALA A 145 5.73 -7.34 -1.04
N VAL A 146 4.79 -6.86 -0.21
CA VAL A 146 4.71 -7.34 1.15
C VAL A 146 3.27 -7.88 1.25
N TYR A 147 3.14 -9.09 1.77
CA TYR A 147 1.85 -9.74 1.94
C TYR A 147 1.70 -10.07 3.41
N ILE A 148 0.85 -9.32 4.10
CA ILE A 148 0.58 -9.56 5.51
C ILE A 148 -0.63 -10.49 5.49
N ASP A 149 -0.40 -11.76 5.85
CA ASP A 149 -1.40 -12.80 5.83
C ASP A 149 -1.94 -13.06 7.23
N THR A 150 -3.18 -12.68 7.39
CA THR A 150 -3.90 -12.75 8.64
C THR A 150 -4.76 -14.04 8.74
N GLU A 151 -4.93 -14.74 7.63
CA GLU A 151 -5.76 -15.93 7.56
C GLU A 151 -5.02 -17.25 7.40
N GLY A 152 -3.75 -17.19 7.02
CA GLY A 152 -2.99 -18.40 6.77
C GLY A 152 -3.30 -18.93 5.36
N THR A 153 -3.77 -18.06 4.46
CA THR A 153 -4.12 -18.53 3.11
C THR A 153 -3.15 -18.16 1.97
N PHE A 154 -1.96 -17.70 2.32
CA PHE A 154 -0.99 -17.42 1.25
C PHE A 154 -0.60 -18.81 0.67
N ARG A 155 -0.55 -18.92 -0.65
CA ARG A 155 -0.20 -20.20 -1.25
C ARG A 155 0.86 -20.00 -2.33
N PRO A 156 2.09 -20.42 -2.06
CA PRO A 156 3.15 -20.24 -3.05
C PRO A 156 2.87 -20.98 -4.35
N GLU A 157 2.13 -22.08 -4.26
CA GLU A 157 1.73 -22.88 -5.43
C GLU A 157 0.90 -22.04 -6.37
N ARG A 158 0.02 -21.22 -5.80
CA ARG A 158 -0.85 -20.39 -6.60
C ARG A 158 -0.03 -19.28 -7.24
N ILE A 159 0.95 -18.76 -6.52
CA ILE A 159 1.82 -17.74 -7.09
C ILE A 159 2.52 -18.34 -8.34
N MET A 160 3.12 -19.52 -8.17
CA MET A 160 3.84 -20.20 -9.25
C MET A 160 2.95 -20.43 -10.48
N GLN A 161 1.73 -20.90 -10.24
CA GLN A 161 0.80 -21.16 -11.33
C GLN A 161 0.38 -19.88 -12.07
N MET A 162 0.01 -18.83 -11.32
CA MET A 162 -0.37 -17.57 -11.96
C MET A 162 0.83 -16.99 -12.73
N ALA A 163 2.03 -17.13 -12.17
CA ALA A 163 3.21 -16.59 -12.82
C ALA A 163 3.46 -17.36 -14.13
N GLU A 164 3.36 -18.68 -14.04
CA GLU A 164 3.59 -19.51 -15.22
C GLU A 164 2.67 -19.10 -16.35
N HIS A 165 1.37 -18.99 -16.07
CA HIS A 165 0.44 -18.61 -17.12
C HIS A 165 0.62 -17.20 -17.67
N ALA A 166 1.30 -16.34 -16.92
CA ALA A 166 1.55 -14.96 -17.35
C ALA A 166 2.91 -14.92 -18.06
N GLY A 167 3.58 -16.06 -18.09
CA GLY A 167 4.87 -16.10 -18.75
C GLY A 167 5.99 -15.46 -17.97
N ILE A 168 5.88 -15.39 -16.64
CA ILE A 168 6.98 -14.81 -15.90
C ILE A 168 7.49 -15.89 -14.96
N ASP A 169 8.67 -15.71 -14.39
CA ASP A 169 9.23 -16.75 -13.53
C ASP A 169 8.64 -16.76 -12.12
N GLY A 170 8.05 -17.88 -11.73
CA GLY A 170 7.46 -17.99 -10.40
C GLY A 170 8.42 -17.76 -9.25
N GLN A 171 9.59 -18.40 -9.31
CA GLN A 171 10.56 -18.24 -8.24
C GLN A 171 10.92 -16.78 -8.06
N THR A 172 10.93 -16.02 -9.15
CA THR A 172 11.23 -14.59 -9.08
C THR A 172 10.13 -13.84 -8.29
N VAL A 173 8.89 -14.26 -8.45
CA VAL A 173 7.84 -13.60 -7.68
C VAL A 173 8.09 -13.93 -6.20
N LEU A 174 8.26 -15.21 -5.89
CA LEU A 174 8.50 -15.58 -4.49
C LEU A 174 9.71 -14.86 -3.86
N ASP A 175 10.79 -14.75 -4.62
CA ASP A 175 12.01 -14.08 -4.18
C ASP A 175 11.81 -12.60 -3.87
N ASN A 176 10.82 -11.99 -4.52
CA ASN A 176 10.55 -10.56 -4.37
C ASN A 176 9.22 -10.22 -3.65
N THR A 177 8.71 -11.19 -2.91
CA THR A 177 7.50 -10.99 -2.13
C THR A 177 7.80 -11.39 -0.68
N PHE A 178 7.62 -10.47 0.25
CA PHE A 178 7.82 -10.78 1.67
C PHE A 178 6.46 -11.15 2.26
N VAL A 179 6.38 -12.28 2.97
CA VAL A 179 5.08 -12.66 3.56
C VAL A 179 5.22 -12.66 5.06
N ALA A 180 4.26 -12.04 5.74
CA ALA A 180 4.30 -12.00 7.19
C ALA A 180 3.00 -12.63 7.70
N ARG A 181 3.10 -13.73 8.43
CA ARG A 181 1.90 -14.38 8.99
C ARG A 181 1.56 -13.69 10.32
N ALA A 182 0.40 -13.03 10.37
CA ALA A 182 -0.02 -12.33 11.59
C ALA A 182 -1.17 -13.09 12.26
N TYR A 183 -1.07 -13.38 13.56
CA TYR A 183 -2.13 -14.12 14.23
C TYR A 183 -3.14 -13.28 15.02
N ASN A 184 -2.89 -11.98 15.12
CA ASN A 184 -3.79 -11.10 15.85
C ASN A 184 -3.57 -9.68 15.35
N SER A 185 -4.38 -8.74 15.80
CA SER A 185 -4.27 -7.38 15.30
C SER A 185 -2.98 -6.67 15.70
N ASP A 186 -2.39 -7.04 16.84
CA ASP A 186 -1.12 -6.43 17.27
C ASP A 186 -0.05 -6.78 16.25
N MET A 187 0.03 -8.06 15.87
CA MET A 187 1.02 -8.46 14.87
C MET A 187 0.76 -7.84 13.52
N GLN A 188 -0.51 -7.79 13.13
CA GLN A 188 -0.87 -7.19 11.85
C GLN A 188 -0.43 -5.73 11.81
N MET A 189 -0.68 -5.01 12.89
CA MET A 189 -0.30 -3.62 12.90
C MET A 189 1.20 -3.44 13.00
N LEU A 190 1.88 -4.26 13.78
CA LEU A 190 3.35 -4.12 13.93
C LEU A 190 4.01 -4.45 12.62
N PHE A 191 3.57 -5.52 11.95
CA PHE A 191 4.15 -5.81 10.64
C PHE A 191 3.95 -4.64 9.68
N ALA A 192 2.78 -4.00 9.68
CA ALA A 192 2.61 -2.89 8.73
C ALA A 192 3.59 -1.75 9.09
N GLU A 193 3.76 -1.50 10.37
CA GLU A 193 4.69 -0.46 10.83
C GLU A 193 6.14 -0.80 10.44
N LYS A 194 6.47 -2.09 10.35
CA LYS A 194 7.85 -2.50 10.00
C LYS A 194 8.22 -2.46 8.53
N ILE A 195 7.26 -2.15 7.68
CA ILE A 195 7.56 -2.09 6.24
C ILE A 195 8.55 -0.97 5.92
N GLU A 196 8.50 0.10 6.70
CA GLU A 196 9.44 1.19 6.53
C GLU A 196 10.85 0.62 6.77
N ASP A 197 10.97 -0.32 7.71
CA ASP A 197 12.29 -0.95 7.98
C ASP A 197 12.80 -1.73 6.75
N LEU A 198 11.91 -2.38 6.02
CA LEU A 198 12.34 -3.13 4.83
C LEU A 198 12.82 -2.16 3.75
N ILE A 199 12.11 -1.04 3.62
CA ILE A 199 12.46 -0.06 2.62
C ILE A 199 13.82 0.59 2.89
N GLN A 200 14.13 0.86 4.15
CA GLN A 200 15.42 1.47 4.45
C GLN A 200 16.57 0.48 4.26
N GLU A 201 16.26 -0.81 4.26
CA GLU A 201 17.28 -1.82 4.07
C GLU A 201 17.50 -2.05 2.59
N GLY A 202 16.93 -1.18 1.77
CA GLY A 202 17.12 -1.31 0.33
C GLY A 202 16.06 -1.98 -0.51
N ASN A 203 14.95 -2.39 0.09
CA ASN A 203 13.90 -3.06 -0.68
C ASN A 203 12.90 -2.05 -1.20
N ASN A 204 12.73 -2.01 -2.51
CA ASN A 204 11.80 -1.06 -3.12
C ASN A 204 10.36 -1.59 -2.97
N ILE A 205 9.79 -1.48 -1.77
CA ILE A 205 8.41 -1.97 -1.57
C ILE A 205 7.45 -1.10 -2.39
N LYS A 206 6.73 -1.73 -3.33
CA LYS A 206 5.79 -1.00 -4.19
C LYS A 206 4.34 -1.52 -4.10
N LEU A 207 4.15 -2.65 -3.42
CA LEU A 207 2.83 -3.25 -3.25
C LEU A 207 2.76 -3.77 -1.85
N VAL A 208 1.70 -3.40 -1.12
CA VAL A 208 1.49 -3.92 0.22
C VAL A 208 0.04 -4.52 0.21
N VAL A 209 -0.09 -5.76 0.65
CA VAL A 209 -1.36 -6.47 0.72
C VAL A 209 -1.66 -6.82 2.17
N ILE A 210 -2.91 -6.60 2.60
CA ILE A 210 -3.29 -6.99 3.95
C ILE A 210 -4.52 -7.89 3.70
N ASP A 211 -4.35 -9.20 3.91
CA ASP A 211 -5.45 -10.13 3.69
C ASP A 211 -5.57 -10.95 5.00
N SER A 212 -6.51 -10.69 5.89
CA SER A 212 -7.61 -9.72 5.86
C SER A 212 -7.33 -8.47 6.72
N LEU A 213 -7.99 -7.36 6.40
CA LEU A 213 -7.81 -6.13 7.16
C LEU A 213 -8.56 -6.16 8.50
N THR A 214 -9.78 -6.69 8.47
CA THR A 214 -10.64 -6.61 9.66
C THR A 214 -10.90 -7.84 10.47
N SER A 215 -10.46 -8.99 10.00
CA SER A 215 -10.71 -10.20 10.74
C SER A 215 -10.18 -10.26 12.16
N THR A 216 -8.92 -9.95 12.34
CA THR A 216 -8.37 -9.97 13.68
C THR A 216 -9.12 -8.96 14.57
N PHE A 217 -9.37 -7.75 14.06
CA PHE A 217 -10.06 -6.76 14.90
C PHE A 217 -11.44 -7.20 15.34
N ARG A 218 -12.17 -7.83 14.43
CA ARG A 218 -13.50 -8.27 14.78
C ARG A 218 -13.49 -9.43 15.74
N ASN A 219 -12.45 -10.25 15.64
CA ASN A 219 -12.34 -11.39 16.51
C ASN A 219 -11.86 -10.96 17.90
N GLU A 220 -11.21 -9.81 17.99
CA GLU A 220 -10.71 -9.37 19.29
C GLU A 220 -11.62 -8.35 20.01
N TYR A 221 -12.19 -7.43 19.24
CA TYR A 221 -13.08 -6.37 19.74
C TYR A 221 -14.41 -6.60 19.04
N THR A 222 -15.09 -7.67 19.44
CA THR A 222 -16.33 -8.06 18.79
C THR A 222 -17.52 -7.16 19.13
N LYS A 226 -17.55 -2.91 21.38
CA LYS A 226 -16.39 -2.04 21.46
C LYS A 226 -16.00 -1.46 20.09
N LEU A 227 -17.02 -1.12 19.29
CA LEU A 227 -16.83 -0.52 17.97
C LEU A 227 -15.94 0.71 18.17
N ALA A 228 -16.16 1.38 19.30
CA ALA A 228 -15.40 2.55 19.71
C ALA A 228 -13.88 2.31 19.66
N GLU A 229 -13.38 1.48 20.58
CA GLU A 229 -11.95 1.19 20.61
C GLU A 229 -11.55 0.53 19.28
N ARG A 230 -12.16 -0.60 18.94
CA ARG A 230 -11.87 -1.23 17.67
C ARG A 230 -11.58 -0.12 16.63
N GLN A 231 -12.58 0.73 16.34
CA GLN A 231 -12.45 1.84 15.37
C GLN A 231 -11.18 2.68 15.61
N GLN A 232 -10.82 2.81 16.87
CA GLN A 232 -9.63 3.54 17.28
C GLN A 232 -8.38 2.87 16.69
N LYS A 233 -8.02 1.73 17.27
CA LYS A 233 -6.86 0.92 16.87
C LYS A 233 -6.86 0.76 15.36
N LEU A 234 -8.03 0.50 14.78
CA LEU A 234 -8.14 0.33 13.35
C LEU A 234 -7.85 1.64 12.63
N GLY A 235 -8.17 2.76 13.27
CA GLY A 235 -7.90 4.05 12.64
C GLY A 235 -6.40 4.33 12.60
N ARG A 236 -5.70 3.96 13.65
CA ARG A 236 -4.24 4.14 13.67
C ARG A 236 -3.65 3.23 12.58
N HIS A 237 -4.16 2.00 12.50
CA HIS A 237 -3.66 1.07 11.48
C HIS A 237 -3.87 1.66 10.09
N MET A 238 -5.08 2.16 9.83
CA MET A 238 -5.37 2.75 8.52
C MET A 238 -4.52 4.00 8.23
N ALA A 239 -4.25 4.81 9.25
CA ALA A 239 -3.44 6.00 9.00
C ALA A 239 -2.02 5.54 8.58
N THR A 240 -1.50 4.50 9.21
CA THR A 240 -0.17 4.00 8.84
C THR A 240 -0.17 3.50 7.39
N LEU A 241 -1.23 2.82 6.98
CA LEU A 241 -1.27 2.32 5.61
C LEU A 241 -1.36 3.46 4.63
N ASN A 242 -2.21 4.45 4.92
CA ASN A 242 -2.33 5.58 4.02
C ASN A 242 -1.03 6.36 3.90
N LYS A 243 -0.30 6.48 5.00
CA LYS A 243 0.96 7.24 4.99
C LYS A 243 2.03 6.51 4.16
N LEU A 244 2.15 5.22 4.39
CA LEU A 244 3.05 4.32 3.68
C LEU A 244 2.76 4.45 2.16
N ALA A 245 1.49 4.35 1.78
CA ALA A 245 1.12 4.48 0.36
C ALA A 245 1.60 5.83 -0.23
N ASP A 246 1.37 6.91 0.52
CA ASP A 246 1.72 8.26 0.05
C ASP A 246 3.24 8.48 0.01
N LEU A 247 3.90 8.20 1.11
CA LEU A 247 5.32 8.45 1.20
C LEU A 247 6.23 7.58 0.38
N PHE A 248 5.79 6.36 0.12
CA PHE A 248 6.63 5.44 -0.63
C PHE A 248 6.08 5.12 -2.00
N ASN A 249 5.11 5.93 -2.43
CA ASN A 249 4.47 5.79 -3.73
C ASN A 249 4.20 4.30 -4.01
N CYS A 250 3.43 3.74 -3.09
CA CYS A 250 3.10 2.33 -3.02
C CYS A 250 1.62 2.02 -3.21
N VAL A 251 1.28 0.88 -3.80
CA VAL A 251 -0.13 0.46 -3.93
C VAL A 251 -0.41 -0.35 -2.66
N VAL A 252 -1.48 -0.01 -1.94
CA VAL A 252 -1.84 -0.75 -0.75
C VAL A 252 -3.24 -1.39 -1.02
N LEU A 253 -3.33 -2.71 -0.93
CA LEU A 253 -4.62 -3.43 -1.14
C LEU A 253 -5.03 -4.10 0.16
N VAL A 254 -6.32 -4.12 0.47
CA VAL A 254 -6.75 -4.76 1.69
C VAL A 254 -8.02 -5.54 1.36
N THR A 255 -8.26 -6.62 2.10
CA THR A 255 -9.50 -7.39 1.88
C THR A 255 -10.35 -7.28 3.12
N ASN A 256 -11.64 -7.42 2.93
CA ASN A 256 -12.60 -7.30 4.02
C ASN A 256 -13.62 -8.43 3.85
N GLN A 257 -13.68 -9.32 4.82
CA GLN A 257 -14.57 -10.45 4.74
C GLN A 257 -15.89 -9.98 5.34
N VAL A 258 -16.89 -9.77 4.51
CA VAL A 258 -18.21 -9.33 4.97
C VAL A 258 -19.29 -10.42 4.95
N SER A 259 -20.22 -10.31 5.90
CA SER A 259 -21.32 -11.27 5.95
C SER A 259 -22.68 -10.63 5.67
N GLY A 279 -16.72 1.45 6.71
CA GLY A 279 -16.58 2.25 7.91
C GLY A 279 -15.26 3.01 8.07
N HIS A 280 -14.17 2.40 7.62
CA HIS A 280 -12.83 2.96 7.71
C HIS A 280 -12.34 3.58 6.39
N ALA A 281 -11.19 4.27 6.49
CA ALA A 281 -10.45 5.06 5.48
C ALA A 281 -9.85 4.50 4.17
N ALA A 282 -10.60 3.72 3.41
CA ALA A 282 -10.10 3.18 2.15
C ALA A 282 -10.41 4.20 1.09
N THR A 283 -9.53 4.46 0.14
CA THR A 283 -9.86 5.43 -0.90
C THR A 283 -10.72 4.82 -2.02
N PHE A 284 -10.50 3.55 -2.37
CA PHE A 284 -11.37 2.87 -3.36
C PHE A 284 -11.98 1.67 -2.66
N ARG A 285 -13.27 1.42 -2.88
CA ARG A 285 -13.93 0.28 -2.24
C ARG A 285 -14.76 -0.50 -3.23
N PHE A 286 -14.54 -1.81 -3.23
CA PHE A 286 -15.26 -2.74 -4.09
C PHE A 286 -16.01 -3.77 -3.26
N PHE A 287 -17.08 -4.28 -3.86
CA PHE A 287 -17.86 -5.37 -3.31
C PHE A 287 -17.80 -6.41 -4.40
N VAL A 288 -17.25 -7.58 -4.10
CA VAL A 288 -17.12 -8.62 -5.12
C VAL A 288 -18.10 -9.74 -4.83
N ARG A 289 -18.81 -10.20 -5.84
CA ARG A 289 -19.77 -11.28 -5.60
C ARG A 289 -19.59 -12.36 -6.65
N LYS A 290 -20.15 -13.54 -6.40
CA LYS A 290 -20.02 -14.63 -7.35
C LYS A 290 -21.04 -14.55 -8.47
N GLY A 291 -20.63 -14.89 -9.67
CA GLY A 291 -21.53 -14.91 -10.80
C GLY A 291 -21.69 -16.38 -11.08
N LYS A 292 -21.99 -16.77 -12.32
CA LYS A 292 -22.14 -18.20 -12.60
C LYS A 292 -20.79 -18.94 -12.66
N GLY A 293 -20.66 -19.96 -11.82
CA GLY A 293 -19.46 -20.77 -11.77
C GLY A 293 -18.19 -19.97 -11.59
N ASP A 294 -17.50 -19.81 -12.72
CA ASP A 294 -16.24 -19.10 -12.91
C ASP A 294 -16.27 -17.57 -12.73
N LYS A 295 -17.44 -17.00 -13.05
CA LYS A 295 -17.66 -15.56 -13.07
C LYS A 295 -17.74 -14.88 -11.72
N ARG A 296 -17.27 -13.64 -11.71
CA ARG A 296 -17.28 -12.82 -10.51
C ARG A 296 -17.64 -11.40 -10.93
N VAL A 297 -18.31 -10.65 -10.07
CA VAL A 297 -18.64 -9.28 -10.41
C VAL A 297 -18.06 -8.38 -9.34
N ALA A 298 -17.27 -7.39 -9.74
CA ALA A 298 -16.69 -6.46 -8.77
C ALA A 298 -17.39 -5.13 -8.99
N LYS A 299 -18.03 -4.60 -7.96
CA LYS A 299 -18.73 -3.34 -8.05
C LYS A 299 -17.99 -2.26 -7.23
N LEU A 300 -17.52 -1.23 -7.93
CA LEU A 300 -16.82 -0.14 -7.28
C LEU A 300 -17.96 0.73 -6.72
N TYR A 301 -18.02 0.91 -5.41
CA TYR A 301 -19.08 1.71 -4.86
C TYR A 301 -18.58 2.97 -4.15
N ASP A 302 -17.27 3.11 -4.04
CA ASP A 302 -16.75 4.34 -3.46
C ASP A 302 -15.40 4.66 -4.05
N SER A 303 -15.20 5.89 -4.49
CA SER A 303 -13.89 6.34 -4.99
C SER A 303 -13.99 7.87 -4.96
N PRO A 304 -12.86 8.57 -5.08
CA PRO A 304 -13.04 10.03 -5.03
C PRO A 304 -13.35 10.66 -6.39
N HIS A 305 -13.11 9.95 -7.49
CA HIS A 305 -13.38 10.61 -8.78
C HIS A 305 -13.97 9.74 -9.89
N LEU A 306 -14.33 8.51 -9.57
CA LEU A 306 -14.87 7.60 -10.56
C LEU A 306 -16.30 7.21 -10.25
N PRO A 307 -17.10 6.97 -11.31
CA PRO A 307 -18.49 6.58 -11.07
C PRO A 307 -18.60 5.14 -10.55
N ASP A 308 -19.69 4.86 -9.87
CA ASP A 308 -19.93 3.50 -9.42
C ASP A 308 -20.05 2.73 -10.74
N ALA A 309 -19.51 1.53 -10.80
CA ALA A 309 -19.59 0.74 -12.03
C ALA A 309 -19.27 -0.69 -11.67
N GLU A 310 -19.75 -1.62 -12.49
CA GLU A 310 -19.51 -3.04 -12.25
C GLU A 310 -18.50 -3.60 -13.24
N ALA A 311 -17.66 -4.51 -12.78
CA ALA A 311 -16.68 -5.13 -13.65
C ALA A 311 -16.88 -6.64 -13.56
N ILE A 312 -17.11 -7.28 -14.69
CA ILE A 312 -17.25 -8.73 -14.72
C ILE A 312 -15.89 -9.38 -15.06
N PHE A 313 -15.45 -10.35 -14.27
CA PHE A 313 -14.19 -11.04 -14.52
C PHE A 313 -14.33 -12.53 -14.15
N ARG A 314 -13.29 -13.32 -14.37
CA ARG A 314 -13.36 -14.75 -14.01
C ARG A 314 -12.13 -15.15 -13.24
N ILE A 315 -12.25 -16.22 -12.47
CA ILE A 315 -11.08 -16.74 -11.79
C ILE A 315 -10.86 -18.16 -12.34
N THR A 316 -9.69 -18.38 -12.94
CA THR A 316 -9.41 -19.69 -13.57
C THR A 316 -8.05 -20.18 -13.12
N GLU A 317 -7.53 -21.25 -13.72
CA GLU A 317 -6.17 -21.68 -13.32
C GLU A 317 -5.13 -20.64 -13.69
N LYS A 318 -5.44 -19.76 -14.64
CA LYS A 318 -4.46 -18.75 -15.02
C LYS A 318 -4.44 -17.60 -14.02
N GLY A 319 -5.47 -17.53 -13.18
CA GLY A 319 -5.58 -16.47 -12.20
C GLY A 319 -6.77 -15.61 -12.56
N ILE A 320 -6.63 -14.30 -12.44
CA ILE A 320 -7.73 -13.41 -12.76
C ILE A 320 -7.72 -13.17 -14.25
N GLN A 321 -8.85 -13.30 -14.92
CA GLN A 321 -8.84 -12.98 -16.33
C GLN A 321 -10.15 -12.41 -16.81
N ASP A 322 -10.09 -11.93 -18.06
CA ASP A 322 -11.14 -11.27 -18.87
C ASP A 322 -10.83 -9.80 -19.19
PB ADP B . -11.99 -15.33 -0.81
O1B ADP B . -10.64 -14.98 -0.37
O2B ADP B . -12.75 -14.14 -1.24
O3B ADP B . -12.76 -16.08 0.33
PA ADP B . -10.64 -16.88 -2.73
O1A ADP B . -9.70 -15.79 -3.19
O2A ADP B . -9.94 -17.77 -1.83
O3A ADP B . -11.95 -16.30 -2.05
O5' ADP B . -11.23 -17.63 -4.07
C5' ADP B . -11.56 -19.10 -4.08
C4' ADP B . -11.94 -19.46 -5.32
O4' ADP B . -10.79 -19.22 -6.24
C3' ADP B . -12.06 -21.01 -5.37
O3' ADP B . -13.06 -21.58 -4.69
C2' ADP B . -11.66 -21.40 -6.78
O2' ADP B . -12.92 -21.34 -7.62
C1' ADP B . -10.80 -20.27 -7.25
N9 ADP B . -9.58 -20.85 -7.38
C8 ADP B . -8.53 -20.99 -6.43
N7 ADP B . -7.54 -21.64 -6.96
C5 ADP B . -7.89 -21.97 -8.25
C6 ADP B . -7.25 -22.66 -9.27
N6 ADP B . -6.01 -23.18 -9.09
N1 ADP B . -7.92 -22.81 -10.49
C2 ADP B . -9.22 -22.27 -10.71
N3 ADP B . -9.89 -21.59 -9.72
C4 ADP B . -9.17 -21.47 -8.51
MG MG C . -9.50 -15.31 1.38
MG MG D . -3.07 8.59 -0.39
NA NA E . 22.51 21.15 9.57
W W F . -18.97 -7.16 14.33
W W G . -20.45 -7.81 9.72
W W H . -24.84 -8.34 13.75
W W I . -23.57 -3.56 12.70
W W J . -24.82 -6.01 10.91
W W K . -20.47 -9.80 12.32
W W L . -19.00 -5.08 11.83
W W M . -22.13 -4.54 9.99
W W N . -20.53 -4.23 14.59
W W O . -23.62 -5.90 15.57
W W P . -22.07 -8.74 15.42
W W Q . -23.18 -9.22 10.67
W W R . -29.30 -0.55 6.23
W W S . -24.46 -0.49 7.44
W W T . -25.88 1.67 1.91
W W U . -26.81 4.83 5.53
W W V . -23.96 3.44 4.43
W W W . -26.19 -2.01 5.04
W W X . -27.59 1.08 8.48
W W Y . -24.81 3.21 7.62
W W Z . -29.52 2.67 6.60
W W AA . -28.59 3.07 3.00
W W BA . -28.43 -0.13 2.73
W W CA . -23.77 -0.21 4.25
#